data_9PSY
#
_entry.id   9PSY
#
_cell.length_a   29.297
_cell.length_b   66.840
_cell.length_c   64.068
_cell.angle_alpha   90.000
_cell.angle_beta   90.752
_cell.angle_gamma   90.000
#
_symmetry.space_group_name_H-M   'P 1 21 1'
#
loop_
_entity.id
_entity.type
_entity.pdbx_description
1 polymer 'Retinol-binding protein 2'
2 non-polymer (2E)-3-(5-phenylthiophen-2-yl)but-2-enal
3 non-polymer 'ACETATE ION'
4 water water
#
_entity_poly.entity_id   1
_entity_poly.type   'polypeptide(L)'
_entity_poly.pdbx_seq_one_letter_code
;TRDQNGTWEMESNENFEGWMKALDIDFATRKIAVRLTQTLVIDQDGDNFKVKSTSTFWNYDVDFTVGVEFDEYTKSLDNR
HVKALVTWEGDVLVCVQKGEKENRGWKKWIEGDKLYEELTCGDQVCRQVFKKK
;
_entity_poly.pdbx_strand_id   A,B
#
# COMPACT_ATOMS: atom_id res chain seq x y z
N THR A 1 -3.49 -18.50 17.74
CA THR A 1 -2.28 -19.13 17.24
C THR A 1 -1.11 -18.16 17.29
N ARG A 2 0.04 -18.72 17.61
CA ARG A 2 1.30 -18.01 17.66
C ARG A 2 2.11 -18.15 16.38
N ASP A 3 1.62 -18.88 15.39
CA ASP A 3 2.42 -19.13 14.19
C ASP A 3 2.41 -17.89 13.31
N GLN A 4 3.50 -17.12 13.35
CA GLN A 4 3.62 -15.94 12.52
C GLN A 4 4.53 -16.18 11.31
N ASN A 5 4.90 -17.43 11.04
CA ASN A 5 5.74 -17.75 9.90
C ASN A 5 5.10 -17.29 8.60
N GLY A 6 5.93 -16.79 7.70
CA GLY A 6 5.42 -16.55 6.36
C GLY A 6 5.91 -15.30 5.69
N THR A 7 5.55 -15.15 4.42
CA THR A 7 5.74 -13.91 3.69
C THR A 7 4.40 -13.19 3.71
N TRP A 8 4.40 -11.98 4.27
CA TRP A 8 3.18 -11.22 4.51
C TRP A 8 3.17 -9.97 3.62
N GLU A 9 2.10 -9.81 2.85
CA GLU A 9 1.95 -8.67 1.94
CA GLU A 9 1.95 -8.67 1.94
C GLU A 9 0.97 -7.68 2.55
N MET A 10 1.38 -6.42 2.63
CA MET A 10 0.53 -5.41 3.25
C MET A 10 -0.81 -5.28 2.52
N GLU A 11 -1.89 -5.19 3.29
CA GLU A 11 -3.22 -4.85 2.80
C GLU A 11 -3.66 -3.45 3.20
N SER A 12 -3.30 -3.02 4.41
CA SER A 12 -3.76 -1.77 4.99
C SER A 12 -2.66 -1.14 5.82
N ASN A 13 -2.55 0.19 5.76
CA ASN A 13 -1.54 0.95 6.50
C ASN A 13 -2.19 2.21 7.02
N GLU A 14 -2.27 2.36 8.34
CA GLU A 14 -2.90 3.53 8.97
C GLU A 14 -1.92 4.27 9.88
N ASN A 15 -1.77 5.57 9.64
CA ASN A 15 -0.95 6.48 10.46
C ASN A 15 0.54 6.10 10.45
N PHE A 16 1.03 5.56 9.35
CA PHE A 16 2.47 5.32 9.24
C PHE A 16 3.25 6.64 9.31
N GLU A 17 2.69 7.72 8.73
CA GLU A 17 3.42 8.99 8.75
C GLU A 17 3.54 9.53 10.17
N GLY A 18 2.49 9.37 10.97
CA GLY A 18 2.55 9.82 12.35
C GLY A 18 3.65 9.12 13.13
N TRP A 19 3.75 7.79 12.98
CA TRP A 19 4.77 7.03 13.68
C TRP A 19 6.16 7.45 13.24
N MET A 20 6.36 7.68 11.94
CA MET A 20 7.66 8.14 11.48
C MET A 20 7.98 9.52 12.01
N LYS A 21 6.98 10.41 12.07
CA LYS A 21 7.20 11.74 12.65
C LYS A 21 7.65 11.65 14.10
N ALA A 22 7.04 10.73 14.87
CA ALA A 22 7.43 10.58 16.26
C ALA A 22 8.86 10.10 16.39
N LEU A 23 9.39 9.41 15.38
CA LEU A 23 10.78 8.98 15.36
C LEU A 23 11.71 10.04 14.78
N ASP A 24 11.17 11.16 14.31
CA ASP A 24 11.93 12.30 13.81
C ASP A 24 12.53 12.04 12.44
N ILE A 25 11.94 11.12 11.68
CA ILE A 25 12.36 10.90 10.32
C ILE A 25 12.15 12.17 9.49
N ASP A 26 13.13 12.51 8.67
CA ASP A 26 13.12 13.76 7.94
C ASP A 26 11.98 13.81 6.93
N PHE A 27 11.58 15.05 6.59
CA PHE A 27 10.46 15.26 5.67
C PHE A 27 10.60 14.46 4.39
N ALA A 28 11.76 14.53 3.73
CA ALA A 28 11.91 13.86 2.44
C ALA A 28 11.68 12.37 2.57
N THR A 29 12.28 11.74 3.58
CA THR A 29 12.11 10.31 3.75
C THR A 29 10.65 9.94 4.00
N ARG A 30 9.99 10.68 4.88
CA ARG A 30 8.59 10.38 5.21
C ARG A 30 7.71 10.50 3.98
N LYS A 31 7.87 11.56 3.20
CA LYS A 31 6.98 11.77 2.06
C LYS A 31 7.10 10.66 1.04
N ILE A 32 8.32 10.13 0.84
CA ILE A 32 8.47 8.97 -0.03
C ILE A 32 7.91 7.73 0.64
N ALA A 33 8.31 7.50 1.90
CA ALA A 33 8.04 6.21 2.54
C ALA A 33 6.55 5.96 2.73
N VAL A 34 5.78 7.01 3.02
CA VAL A 34 4.36 6.85 3.31
C VAL A 34 3.59 6.34 2.09
N ARG A 35 4.14 6.47 0.89
CA ARG A 35 3.43 6.01 -0.30
C ARG A 35 3.48 4.51 -0.48
N LEU A 36 4.36 3.82 0.23
CA LEU A 36 4.86 2.55 -0.27
C LEU A 36 4.18 1.35 0.38
N THR A 37 4.02 0.30 -0.43
CA THR A 37 3.52 -0.96 0.11
C THR A 37 4.66 -1.71 0.79
N GLN A 38 4.34 -2.41 1.87
CA GLN A 38 5.37 -3.11 2.63
C GLN A 38 5.20 -4.61 2.56
N THR A 39 6.32 -5.31 2.77
CA THR A 39 6.35 -6.76 2.93
C THR A 39 7.05 -7.11 4.23
N LEU A 40 6.56 -8.16 4.89
CA LEU A 40 7.11 -8.67 6.14
C LEU A 40 7.40 -10.15 5.95
N VAL A 41 8.66 -10.57 6.13
CA VAL A 41 9.03 -11.97 6.07
C VAL A 41 9.45 -12.40 7.47
N ILE A 42 8.76 -13.40 8.02
CA ILE A 42 9.01 -13.91 9.36
C ILE A 42 9.41 -15.36 9.25
N ASP A 43 10.56 -15.69 9.83
CA ASP A 43 10.97 -17.07 10.07
C ASP A 43 11.00 -17.29 11.57
N GLN A 44 10.22 -18.28 12.05
CA GLN A 44 9.96 -18.47 13.46
C GLN A 44 10.12 -19.95 13.80
N ASP A 45 11.08 -20.26 14.66
CA ASP A 45 11.29 -21.62 15.13
C ASP A 45 11.48 -21.57 16.64
N GLY A 46 10.50 -22.11 17.36
CA GLY A 46 10.51 -21.98 18.81
C GLY A 46 10.57 -20.51 19.19
N ASP A 47 11.58 -20.15 19.98
CA ASP A 47 11.78 -18.77 20.40
C ASP A 47 12.51 -17.92 19.38
N ASN A 48 13.09 -18.51 18.34
CA ASN A 48 14.04 -17.82 17.49
C ASN A 48 13.29 -17.20 16.30
N PHE A 49 13.40 -15.89 16.15
CA PHE A 49 12.76 -15.17 15.07
C PHE A 49 13.79 -14.51 14.17
N LYS A 50 13.53 -14.56 12.87
CA LYS A 50 14.16 -13.65 11.90
C LYS A 50 13.03 -12.87 11.23
N VAL A 51 13.12 -11.54 11.24
CA VAL A 51 12.08 -10.66 10.72
C VAL A 51 12.71 -9.69 9.74
N LYS A 52 12.10 -9.55 8.56
CA LYS A 52 12.58 -8.65 7.52
C LYS A 52 11.40 -7.80 7.05
N SER A 53 11.53 -6.49 7.17
CA SER A 53 10.53 -5.57 6.65
C SER A 53 11.11 -4.88 5.43
N THR A 54 10.36 -4.87 4.33
CA THR A 54 10.90 -4.36 3.08
C THR A 54 9.87 -3.51 2.35
N SER A 55 10.39 -2.57 1.56
CA SER A 55 9.66 -1.82 0.56
C SER A 55 10.61 -1.62 -0.60
N THR A 56 10.21 -0.84 -1.60
CA THR A 56 11.20 -0.47 -2.61
C THR A 56 12.21 0.51 -2.06
N PHE A 57 11.98 1.02 -0.85
CA PHE A 57 12.76 2.10 -0.28
C PHE A 57 13.63 1.70 0.90
N TRP A 58 13.34 0.57 1.54
CA TRP A 58 14.14 0.18 2.70
C TRP A 58 14.18 -1.34 2.85
N ASN A 59 15.16 -1.77 3.65
CA ASN A 59 15.31 -3.16 4.05
C ASN A 59 15.76 -3.13 5.51
N TYR A 60 14.93 -3.66 6.41
CA TYR A 60 15.17 -3.59 7.84
C TYR A 60 15.03 -4.99 8.41
N ASP A 61 16.12 -5.58 8.86
CA ASP A 61 16.14 -6.95 9.34
C ASP A 61 16.53 -6.97 10.82
N VAL A 62 15.89 -7.84 11.58
CA VAL A 62 16.23 -8.03 12.98
C VAL A 62 16.04 -9.49 13.34
N ASP A 63 16.99 -10.04 14.07
CA ASP A 63 16.88 -11.38 14.64
C ASP A 63 16.83 -11.26 16.15
N PHE A 64 16.04 -12.12 16.78
CA PHE A 64 15.91 -12.08 18.23
C PHE A 64 15.39 -13.41 18.73
N THR A 65 15.50 -13.59 20.04
CA THR A 65 14.96 -14.74 20.73
C THR A 65 13.93 -14.23 21.72
N VAL A 66 12.71 -14.78 21.66
CA VAL A 66 11.69 -14.42 22.64
C VAL A 66 12.22 -14.65 24.05
N GLY A 67 12.06 -13.64 24.92
CA GLY A 67 12.45 -13.75 26.32
C GLY A 67 13.89 -13.37 26.64
N VAL A 68 14.67 -12.92 25.65
CA VAL A 68 16.07 -12.58 25.85
C VAL A 68 16.27 -11.13 25.44
N GLU A 69 16.64 -10.29 26.38
CA GLU A 69 16.89 -8.88 26.05
C GLU A 69 18.09 -8.75 25.10
N PHE A 70 18.01 -7.78 24.19
CA PHE A 70 19.14 -7.52 23.30
C PHE A 70 19.32 -6.04 23.05
N ASP A 71 20.56 -5.56 23.17
CA ASP A 71 20.89 -4.22 22.73
C ASP A 71 20.84 -4.16 21.21
N GLU A 72 20.26 -3.09 20.66
CA GLU A 72 20.22 -2.99 19.21
C GLU A 72 20.38 -1.55 18.76
N TYR A 73 20.96 -1.41 17.58
CA TYR A 73 21.03 -0.14 16.86
C TYR A 73 19.97 -0.19 15.79
N THR A 74 19.17 0.85 15.69
CA THR A 74 18.04 0.81 14.78
C THR A 74 18.41 1.27 13.37
N LYS A 75 19.71 1.44 13.09
CA LYS A 75 20.27 1.34 11.74
C LYS A 75 19.56 2.32 10.81
N SER A 76 19.13 1.91 9.62
CA SER A 76 18.63 2.85 8.64
C SER A 76 17.31 3.52 9.04
N LEU A 77 16.64 3.05 10.10
CA LEU A 77 15.37 3.68 10.47
C LEU A 77 15.65 5.03 11.10
N ASP A 78 16.14 5.06 12.35
CA ASP A 78 16.44 6.33 13.00
C ASP A 78 17.77 6.34 13.75
N ASN A 79 18.65 5.38 13.50
CA ASN A 79 20.03 5.42 13.99
C ASN A 79 20.11 5.70 15.49
N ARG A 80 19.29 4.99 16.27
CA ARG A 80 19.30 5.14 17.72
C ARG A 80 19.63 3.81 18.41
N HIS A 81 20.20 3.91 19.61
CA HIS A 81 20.49 2.72 20.43
C HIS A 81 19.34 2.49 21.40
N VAL A 82 18.81 1.26 21.42
CA VAL A 82 17.76 0.89 22.35
C VAL A 82 18.09 -0.46 22.99
N LYS A 83 17.44 -0.75 24.11
CA LYS A 83 17.44 -2.09 24.68
C LYS A 83 16.09 -2.73 24.36
N ALA A 84 16.11 -3.82 23.60
CA ALA A 84 14.89 -4.42 23.06
C ALA A 84 14.55 -5.73 23.75
N LEU A 85 13.25 -6.01 23.85
CA LEU A 85 12.82 -7.26 24.44
C LEU A 85 11.50 -7.66 23.82
N VAL A 86 11.41 -8.89 23.30
CA VAL A 86 10.19 -9.40 22.68
C VAL A 86 9.66 -10.55 23.53
N THR A 87 8.36 -10.48 23.89
CA THR A 87 7.74 -11.49 24.74
C THR A 87 6.32 -11.75 24.27
N TRP A 88 5.69 -12.80 24.84
CA TRP A 88 4.32 -13.18 24.52
C TRP A 88 3.37 -12.66 25.59
N GLU A 89 2.28 -12.01 25.15
CA GLU A 89 1.14 -11.72 26.01
C GLU A 89 -0.03 -12.46 25.38
N GLY A 90 -0.33 -13.64 25.90
CA GLY A 90 -1.23 -14.54 25.18
C GLY A 90 -0.62 -14.91 23.84
N ASP A 91 -1.36 -14.67 22.75
CA ASP A 91 -0.81 -14.87 21.40
C ASP A 91 -0.49 -13.56 20.71
N VAL A 92 -0.30 -12.48 21.47
CA VAL A 92 0.20 -11.22 20.96
C VAL A 92 1.70 -11.21 21.22
N LEU A 93 2.49 -10.99 20.16
CA LEU A 93 3.94 -10.84 20.28
C LEU A 93 4.22 -9.36 20.53
N VAL A 94 4.90 -9.06 21.63
CA VAL A 94 5.03 -7.69 22.12
C VAL A 94 6.52 -7.32 22.22
N CYS A 95 6.91 -6.27 21.54
CA CYS A 95 8.28 -5.77 21.61
C CYS A 95 8.29 -4.42 22.32
N VAL A 96 9.15 -4.28 23.31
CA VAL A 96 9.41 -2.99 23.96
CA VAL A 96 9.40 -3.00 23.97
C VAL A 96 10.86 -2.63 23.70
N GLN A 97 11.08 -1.38 23.27
CA GLN A 97 12.43 -0.87 23.01
C GLN A 97 12.68 0.30 23.96
N LYS A 98 13.49 0.06 24.99
CA LYS A 98 13.78 1.09 25.98
C LYS A 98 14.86 2.02 25.46
N GLY A 99 14.64 3.33 25.62
CA GLY A 99 15.58 4.30 25.08
C GLY A 99 15.01 5.69 25.19
N GLU A 100 15.42 6.54 24.23
CA GLU A 100 15.05 7.95 24.29
C GLU A 100 13.56 8.15 24.08
N LYS A 101 12.96 7.38 23.17
CA LYS A 101 11.55 7.50 22.87
C LYS A 101 10.70 6.73 23.87
N GLU A 102 9.60 7.32 24.31
CA GLU A 102 8.64 6.63 25.17
C GLU A 102 7.71 5.75 24.33
N ASN A 103 7.13 4.75 24.98
CA ASN A 103 6.13 3.86 24.37
C ASN A 103 6.58 3.31 23.01
N ARG A 104 7.87 2.99 22.90
CA ARG A 104 8.42 2.55 21.62
C ARG A 104 8.40 1.03 21.51
N GLY A 105 7.93 0.51 20.39
CA GLY A 105 7.93 -0.92 20.18
C GLY A 105 6.87 -1.31 19.17
N TRP A 106 6.43 -2.57 19.26
CA TRP A 106 5.37 -3.01 18.38
C TRP A 106 4.62 -4.19 19.00
N LYS A 107 3.50 -4.55 18.36
CA LYS A 107 2.70 -5.70 18.68
C LYS A 107 2.31 -6.38 17.39
N LYS A 108 2.39 -7.71 17.34
CA LYS A 108 1.95 -8.49 16.20
C LYS A 108 1.03 -9.61 16.66
N TRP A 109 -0.06 -9.85 15.91
CA TRP A 109 -0.87 -11.03 16.18
C TRP A 109 -1.56 -11.48 14.91
N ILE A 110 -2.09 -12.70 14.94
CA ILE A 110 -2.70 -13.34 13.79
C ILE A 110 -4.22 -13.35 13.99
N GLU A 111 -4.95 -13.06 12.91
CA GLU A 111 -6.40 -13.21 12.85
C GLU A 111 -6.71 -13.96 11.57
N GLY A 112 -7.09 -15.21 11.69
CA GLY A 112 -7.37 -16.00 10.50
C GLY A 112 -6.16 -16.08 9.59
N ASP A 113 -6.32 -15.58 8.37
CA ASP A 113 -5.29 -15.63 7.35
C ASP A 113 -4.44 -14.37 7.31
N LYS A 114 -4.58 -13.49 8.30
CA LYS A 114 -3.96 -12.17 8.24
C LYS A 114 -3.08 -11.94 9.45
N LEU A 115 -2.06 -11.10 9.27
CA LEU A 115 -1.21 -10.66 10.37
C LEU A 115 -1.49 -9.18 10.64
N TYR A 116 -1.73 -8.87 11.90
CA TYR A 116 -2.01 -7.51 12.36
C TYR A 116 -0.82 -6.97 13.15
N GLU A 117 -0.49 -5.70 12.92
CA GLU A 117 0.68 -5.10 13.53
C GLU A 117 0.34 -3.71 14.07
N GLU A 118 0.82 -3.42 15.28
CA GLU A 118 0.85 -2.06 15.82
C GLU A 118 2.29 -1.60 15.93
N LEU A 119 2.59 -0.43 15.40
CA LEU A 119 3.88 0.24 15.65
C LEU A 119 3.63 1.46 16.51
N THR A 120 4.34 1.57 17.62
CA THR A 120 4.11 2.66 18.58
C THR A 120 5.39 3.45 18.83
N CYS A 121 5.22 4.76 18.97
CA CYS A 121 6.30 5.64 19.41
C CYS A 121 5.66 6.91 19.94
N GLY A 122 6.08 7.35 21.12
CA GLY A 122 5.46 8.53 21.70
C GLY A 122 3.97 8.32 21.89
N ASP A 123 3.15 9.25 21.41
CA ASP A 123 1.71 9.10 21.45
C ASP A 123 1.12 8.69 20.11
N GLN A 124 1.95 8.13 19.22
CA GLN A 124 1.53 7.72 17.89
C GLN A 124 1.41 6.21 17.82
N VAL A 125 0.37 5.74 17.10
CA VAL A 125 0.19 4.32 16.83
C VAL A 125 -0.11 4.17 15.34
N CYS A 126 0.69 3.34 14.67
CA CYS A 126 0.47 2.94 13.30
C CYS A 126 -0.12 1.55 13.28
N ARG A 127 -1.23 1.36 12.57
CA ARG A 127 -1.92 0.06 12.51
C ARG A 127 -1.79 -0.50 11.11
N GLN A 128 -1.37 -1.76 11.01
CA GLN A 128 -1.14 -2.42 9.73
C GLN A 128 -1.79 -3.79 9.70
N VAL A 129 -2.17 -4.21 8.49
CA VAL A 129 -2.72 -5.54 8.24
C VAL A 129 -2.01 -6.12 7.02
N PHE A 130 -1.59 -7.38 7.13
CA PHE A 130 -0.93 -8.11 6.05
C PHE A 130 -1.70 -9.40 5.78
N LYS A 131 -1.70 -9.83 4.52
CA LYS A 131 -2.25 -11.12 4.14
C LYS A 131 -1.13 -12.10 3.85
N LYS A 132 -1.35 -13.36 4.18
CA LYS A 132 -0.34 -14.39 3.94
C LYS A 132 -0.24 -14.66 2.44
N LYS A 133 0.95 -14.50 1.88
CA LYS A 133 1.18 -14.79 0.47
C LYS A 133 1.31 -16.30 0.23
N THR B 1 6.75 0.06 -25.09
CA THR B 1 5.89 -1.12 -25.21
C THR B 1 4.46 -0.80 -24.79
N ARG B 2 3.52 -1.26 -25.59
CA ARG B 2 2.10 -1.11 -25.29
C ARG B 2 1.52 -2.30 -24.55
N ASP B 3 2.31 -3.35 -24.30
CA ASP B 3 1.74 -4.55 -23.68
C ASP B 3 1.58 -4.32 -22.19
N GLN B 4 0.35 -4.14 -21.75
CA GLN B 4 0.04 -3.93 -20.34
C GLN B 4 -0.60 -5.15 -19.68
N ASN B 5 -0.62 -6.30 -20.37
CA ASN B 5 -1.18 -7.53 -19.80
C ASN B 5 -0.56 -7.86 -18.46
N GLY B 6 -1.40 -8.32 -17.54
CA GLY B 6 -0.85 -8.97 -16.36
C GLY B 6 -1.58 -8.71 -15.06
N THR B 7 -1.06 -9.28 -13.98
CA THR B 7 -1.52 -8.99 -12.65
C THR B 7 -0.52 -8.05 -12.01
N TRP B 8 -0.98 -6.86 -11.62
CA TRP B 8 -0.12 -5.78 -11.16
C TRP B 8 -0.43 -5.49 -9.70
N GLU B 9 0.58 -5.62 -8.83
CA GLU B 9 0.43 -5.35 -7.40
C GLU B 9 1.01 -3.98 -7.06
N MET B 10 0.28 -3.22 -6.24
CA MET B 10 0.66 -1.84 -5.98
C MET B 10 1.95 -1.76 -5.18
N GLU B 11 2.84 -0.86 -5.62
CA GLU B 11 4.07 -0.52 -4.91
C GLU B 11 4.01 0.85 -4.26
N SER B 12 3.38 1.83 -4.92
CA SER B 12 3.40 3.19 -4.42
C SER B 12 2.11 3.88 -4.86
N ASN B 13 1.62 4.77 -4.00
CA ASN B 13 0.32 5.41 -4.18
C ASN B 13 0.43 6.82 -3.61
N GLU B 14 0.36 7.83 -4.48
CA GLU B 14 0.52 9.22 -4.07
C GLU B 14 -0.77 9.99 -4.34
N ASN B 15 -1.29 10.66 -3.31
CA ASN B 15 -2.45 11.56 -3.42
C ASN B 15 -3.72 10.84 -3.89
N PHE B 16 -3.88 9.57 -3.48
CA PHE B 16 -5.15 8.90 -3.71
C PHE B 16 -6.31 9.64 -3.05
N GLU B 17 -6.06 10.27 -1.90
CA GLU B 17 -7.17 10.94 -1.22
C GLU B 17 -7.59 12.22 -1.95
N GLY B 18 -6.63 12.96 -2.50
CA GLY B 18 -7.00 14.15 -3.26
C GLY B 18 -7.89 13.82 -4.44
N TRP B 19 -7.58 12.71 -5.13
CA TRP B 19 -8.42 12.24 -6.22
C TRP B 19 -9.82 11.86 -5.72
N MET B 20 -9.89 11.13 -4.61
CA MET B 20 -11.20 10.74 -4.08
C MET B 20 -12.01 11.96 -3.69
N LYS B 21 -11.36 12.95 -3.09
CA LYS B 21 -12.08 14.16 -2.71
C LYS B 21 -12.61 14.90 -3.93
N ALA B 22 -11.85 14.92 -5.03
CA ALA B 22 -12.35 15.58 -6.24
C ALA B 22 -13.59 14.90 -6.77
N LEU B 23 -13.74 13.59 -6.54
CA LEU B 23 -14.93 12.85 -6.95
C LEU B 23 -16.04 12.93 -5.92
N ASP B 24 -15.84 13.68 -4.84
CA ASP B 24 -16.82 13.86 -3.77
C ASP B 24 -17.15 12.55 -3.05
N ILE B 25 -16.16 11.66 -2.94
CA ILE B 25 -16.34 10.43 -2.17
C ILE B 25 -16.48 10.78 -0.69
N ASP B 26 -17.40 10.10 0.00
CA ASP B 26 -17.74 10.47 1.37
C ASP B 26 -16.60 10.22 2.34
N PHE B 27 -16.68 10.86 3.52
CA PHE B 27 -15.58 10.85 4.47
C PHE B 27 -15.21 9.43 4.90
N ALA B 28 -16.21 8.63 5.27
CA ALA B 28 -15.91 7.30 5.81
C ALA B 28 -15.23 6.43 4.75
N THR B 29 -15.76 6.42 3.53
CA THR B 29 -15.16 5.63 2.46
C THR B 29 -13.72 6.08 2.19
N ARG B 30 -13.49 7.39 2.14
CA ARG B 30 -12.15 7.90 1.88
C ARG B 30 -11.18 7.44 2.97
N LYS B 31 -11.61 7.50 4.23
CA LYS B 31 -10.68 7.20 5.30
C LYS B 31 -10.25 5.73 5.27
N ILE B 32 -11.17 4.83 4.95
CA ILE B 32 -10.77 3.43 4.80
C ILE B 32 -9.97 3.23 3.51
N ALA B 33 -10.52 3.70 2.38
CA ALA B 33 -9.89 3.40 1.10
C ALA B 33 -8.45 3.90 1.00
N VAL B 34 -8.12 5.01 1.65
CA VAL B 34 -6.77 5.58 1.50
C VAL B 34 -5.71 4.69 2.12
N ARG B 35 -6.09 3.81 3.05
CA ARG B 35 -5.12 2.95 3.71
C ARG B 35 -4.70 1.76 2.87
N LEU B 36 -5.39 1.47 1.77
CA LEU B 36 -5.38 0.11 1.24
C LEU B 36 -4.43 -0.07 0.05
N THR B 37 -3.86 -1.28 -0.02
CA THR B 37 -3.08 -1.71 -1.17
C THR B 37 -4.00 -2.15 -2.31
N GLN B 38 -3.63 -1.78 -3.53
CA GLN B 38 -4.49 -2.04 -4.67
C GLN B 38 -3.87 -3.10 -5.60
N THR B 39 -4.75 -3.78 -6.32
CA THR B 39 -4.35 -4.74 -7.34
C THR B 39 -5.06 -4.38 -8.64
N LEU B 40 -4.36 -4.58 -9.74
CA LEU B 40 -4.84 -4.25 -11.08
C LEU B 40 -4.61 -5.47 -11.94
N VAL B 41 -5.68 -5.99 -12.54
CA VAL B 41 -5.59 -7.15 -13.42
C VAL B 41 -5.99 -6.69 -14.81
N ILE B 42 -5.07 -6.81 -15.76
CA ILE B 42 -5.30 -6.31 -17.11
C ILE B 42 -5.23 -7.48 -18.09
N ASP B 43 -6.27 -7.60 -18.91
CA ASP B 43 -6.36 -8.61 -19.98
C ASP B 43 -6.42 -7.78 -21.25
N GLN B 44 -5.45 -7.94 -22.14
CA GLN B 44 -5.34 -7.09 -23.32
C GLN B 44 -5.11 -7.97 -24.54
N ASP B 45 -5.99 -7.87 -25.52
CA ASP B 45 -5.82 -8.58 -26.79
C ASP B 45 -6.17 -7.61 -27.90
N GLY B 46 -5.15 -7.11 -28.59
CA GLY B 46 -5.37 -6.10 -29.60
C GLY B 46 -5.97 -4.87 -28.96
N ASP B 47 -7.09 -4.40 -29.52
CA ASP B 47 -7.79 -3.25 -28.99
C ASP B 47 -8.64 -3.57 -27.77
N ASN B 48 -8.87 -4.85 -27.47
CA ASN B 48 -9.88 -5.24 -26.49
C ASN B 48 -9.24 -5.37 -25.12
N PHE B 49 -9.73 -4.60 -24.15
CA PHE B 49 -9.21 -4.60 -22.80
C PHE B 49 -10.27 -5.04 -21.80
N LYS B 50 -9.80 -5.72 -20.75
CA LYS B 50 -10.61 -6.12 -19.59
C LYS B 50 -9.74 -5.68 -18.42
N VAL B 51 -10.23 -4.77 -17.58
CA VAL B 51 -9.44 -4.22 -16.49
C VAL B 51 -10.20 -4.39 -15.18
N LYS B 52 -9.50 -4.85 -14.15
CA LYS B 52 -10.12 -5.02 -12.84
C LYS B 52 -9.21 -4.40 -11.78
N SER B 53 -9.76 -3.47 -11.01
CA SER B 53 -9.07 -2.84 -9.89
C SER B 53 -9.71 -3.36 -8.59
N THR B 54 -8.87 -3.87 -7.70
CA THR B 54 -9.39 -4.50 -6.49
C THR B 54 -8.57 -4.06 -5.30
N SER B 55 -9.24 -4.02 -4.15
CA SER B 55 -8.58 -4.01 -2.85
C SER B 55 -9.45 -4.86 -1.93
N THR B 56 -9.17 -4.86 -0.62
CA THR B 56 -10.08 -5.56 0.27
C THR B 56 -11.43 -4.86 0.40
N PHE B 57 -11.57 -3.67 -0.17
CA PHE B 57 -12.74 -2.82 0.05
C PHE B 57 -13.57 -2.58 -1.21
N TRP B 58 -13.02 -2.82 -2.40
CA TRP B 58 -13.79 -2.57 -3.62
C TRP B 58 -13.38 -3.52 -4.73
N ASN B 59 -14.27 -3.63 -5.72
CA ASN B 59 -14.02 -4.33 -6.96
C ASN B 59 -14.61 -3.47 -8.06
N TYR B 60 -13.78 -3.01 -8.99
CA TYR B 60 -14.20 -2.11 -10.04
C TYR B 60 -13.69 -2.68 -11.35
N ASP B 61 -14.61 -3.10 -12.22
CA ASP B 61 -14.25 -3.76 -13.46
C ASP B 61 -14.80 -2.97 -14.63
N VAL B 62 -14.02 -2.89 -15.71
CA VAL B 62 -14.45 -2.18 -16.90
C VAL B 62 -13.86 -2.86 -18.13
N ASP B 63 -14.68 -2.98 -19.17
CA ASP B 63 -14.27 -3.54 -20.45
C ASP B 63 -14.37 -2.47 -21.53
N PHE B 64 -13.41 -2.46 -22.45
CA PHE B 64 -13.46 -1.44 -23.49
C PHE B 64 -12.60 -1.84 -24.67
N THR B 65 -12.85 -1.16 -25.79
CA THR B 65 -12.11 -1.31 -27.04
C THR B 65 -11.44 0.03 -27.33
N VAL B 66 -10.11 0.00 -27.45
CA VAL B 66 -9.39 1.22 -27.77
C VAL B 66 -9.97 1.85 -29.04
N GLY B 67 -10.26 3.14 -28.95
CA GLY B 67 -10.75 3.90 -30.09
C GLY B 67 -12.25 3.90 -30.26
N VAL B 68 -12.99 3.26 -29.35
CA VAL B 68 -14.45 3.16 -29.45
C VAL B 68 -15.04 3.83 -28.21
N GLU B 69 -15.77 4.93 -28.43
CA GLU B 69 -16.40 5.62 -27.31
C GLU B 69 -17.44 4.71 -26.65
N PHE B 70 -17.55 4.78 -25.32
CA PHE B 70 -18.64 4.06 -24.68
C PHE B 70 -19.23 4.88 -23.54
N ASP B 71 -20.57 4.90 -23.49
CA ASP B 71 -21.26 5.40 -22.30
C ASP B 71 -21.01 4.46 -21.14
N GLU B 72 -20.75 5.03 -19.96
CA GLU B 72 -20.52 4.16 -18.83
C GLU B 72 -21.06 4.79 -17.55
N TYR B 73 -21.47 3.92 -16.64
CA TYR B 73 -21.88 4.32 -15.30
C TYR B 73 -20.75 3.95 -14.35
N THR B 74 -20.30 4.90 -13.55
CA THR B 74 -19.14 4.62 -12.72
C THR B 74 -19.51 3.87 -11.45
N LYS B 75 -20.75 3.41 -11.33
CA LYS B 75 -21.07 2.28 -10.43
C LYS B 75 -20.59 2.59 -9.00
N SER B 76 -19.90 1.67 -8.34
CA SER B 76 -19.64 1.81 -6.91
C SER B 76 -18.57 2.85 -6.61
N LEU B 77 -17.91 3.44 -7.61
CA LEU B 77 -16.96 4.51 -7.32
C LEU B 77 -17.75 5.76 -6.91
N ASP B 78 -18.29 6.52 -7.88
CA ASP B 78 -19.04 7.72 -7.55
C ASP B 78 -20.42 7.80 -8.22
N ASN B 79 -20.91 6.72 -8.82
CA ASN B 79 -22.29 6.67 -9.33
C ASN B 79 -22.63 7.83 -10.27
N ARG B 80 -21.77 8.06 -11.27
CA ARG B 80 -22.04 9.08 -12.28
C ARG B 80 -22.01 8.48 -13.69
N HIS B 81 -22.72 9.14 -14.60
CA HIS B 81 -22.72 8.75 -16.00
C HIS B 81 -21.67 9.59 -16.74
N VAL B 82 -20.81 8.92 -17.52
CA VAL B 82 -19.80 9.59 -18.33
C VAL B 82 -19.77 8.96 -19.72
N LYS B 83 -19.18 9.70 -20.66
CA LYS B 83 -18.87 9.19 -21.99
C LYS B 83 -17.36 9.00 -22.06
N ALA B 84 -16.92 7.75 -22.21
CA ALA B 84 -15.52 7.42 -22.03
C ALA B 84 -14.88 7.05 -23.35
N LEU B 85 -13.58 7.33 -23.46
CA LEU B 85 -12.81 7.01 -24.65
C LEU B 85 -11.39 6.69 -24.21
N VAL B 86 -10.86 5.56 -24.68
CA VAL B 86 -9.49 5.17 -24.38
C VAL B 86 -8.72 5.11 -25.69
N THR B 87 -7.58 5.79 -25.75
CA THR B 87 -6.79 5.87 -26.96
C THR B 87 -5.31 5.74 -26.59
N TRP B 88 -4.49 5.59 -27.61
CA TRP B 88 -3.04 5.58 -27.44
C TRP B 88 -2.45 6.93 -27.79
N GLU B 89 -1.59 7.43 -26.90
CA GLU B 89 -0.69 8.55 -27.19
C GLU B 89 0.72 7.95 -27.09
N GLY B 90 1.29 7.58 -28.22
CA GLY B 90 2.52 6.80 -28.18
C GLY B 90 2.24 5.48 -27.49
N ASP B 91 3.01 5.19 -26.44
CA ASP B 91 2.84 4.01 -25.62
CA ASP B 91 2.76 4.00 -25.65
C ASP B 91 2.13 4.33 -24.30
N VAL B 92 1.47 5.49 -24.21
CA VAL B 92 0.69 5.87 -23.04
C VAL B 92 -0.77 5.61 -23.36
N LEU B 93 -1.44 4.83 -22.51
CA LEU B 93 -2.85 4.55 -22.69
C LEU B 93 -3.66 5.61 -21.95
N VAL B 94 -4.51 6.34 -22.68
CA VAL B 94 -5.14 7.54 -22.15
C VAL B 94 -6.65 7.33 -22.13
N CYS B 95 -7.27 7.49 -20.96
CA CYS B 95 -8.71 7.48 -20.80
C CYS B 95 -9.22 8.88 -20.49
N VAL B 96 -10.20 9.37 -21.26
CA VAL B 96 -10.93 10.59 -20.95
C VAL B 96 -12.39 10.24 -20.72
N GLN B 97 -12.94 10.72 -19.61
CA GLN B 97 -14.33 10.47 -19.20
C GLN B 97 -15.04 11.82 -19.19
N LYS B 98 -15.85 12.07 -20.22
CA LYS B 98 -16.53 13.35 -20.33
C LYS B 98 -17.80 13.35 -19.50
N GLY B 99 -18.03 14.46 -18.79
CA GLY B 99 -19.18 14.56 -17.94
C GLY B 99 -19.09 15.72 -16.96
N GLU B 100 -19.60 15.52 -15.74
CA GLU B 100 -19.72 16.58 -14.76
C GLU B 100 -18.36 17.09 -14.31
N LYS B 101 -17.41 16.17 -14.08
CA LYS B 101 -16.08 16.51 -13.61
C LYS B 101 -15.17 16.88 -14.76
N GLU B 102 -14.34 17.91 -14.54
CA GLU B 102 -13.32 18.30 -15.50
C GLU B 102 -12.07 17.43 -15.34
N ASN B 103 -11.30 17.32 -16.43
CA ASN B 103 -10.00 16.65 -16.39
C ASN B 103 -10.12 15.24 -15.82
N ARG B 104 -11.21 14.54 -16.13
CA ARG B 104 -11.46 13.23 -15.52
C ARG B 104 -10.98 12.12 -16.43
N GLY B 105 -10.22 11.19 -15.86
CA GLY B 105 -9.74 10.05 -16.64
C GLY B 105 -8.50 9.44 -15.97
N TRP B 106 -7.67 8.79 -16.78
CA TRP B 106 -6.44 8.21 -16.27
C TRP B 106 -5.46 8.02 -17.42
N LYS B 107 -4.22 7.70 -17.06
CA LYS B 107 -3.19 7.33 -18.03
C LYS B 107 -2.42 6.16 -17.45
N LYS B 108 -2.05 5.21 -18.31
CA LYS B 108 -1.24 4.06 -17.91
C LYS B 108 -0.11 3.87 -18.90
N TRP B 109 1.08 3.59 -18.38
CA TRP B 109 2.19 3.24 -19.25
C TRP B 109 3.12 2.29 -18.51
N ILE B 110 4.01 1.67 -19.27
CA ILE B 110 4.94 0.67 -18.75
C ILE B 110 6.34 1.28 -18.70
N GLU B 111 7.05 1.03 -17.59
CA GLU B 111 8.46 1.37 -17.45
C GLU B 111 9.16 0.12 -16.91
N GLY B 112 9.97 -0.50 -17.75
CA GLY B 112 10.68 -1.69 -17.32
C GLY B 112 9.72 -2.78 -16.89
N ASP B 113 9.78 -3.17 -15.62
CA ASP B 113 8.93 -4.22 -15.07
C ASP B 113 7.74 -3.67 -14.30
N LYS B 114 7.41 -2.39 -14.49
CA LYS B 114 6.42 -1.73 -13.67
C LYS B 114 5.38 -1.05 -14.54
N LEU B 115 4.17 -0.93 -13.99
CA LEU B 115 3.09 -0.18 -14.62
C LEU B 115 2.88 1.11 -13.84
N TYR B 116 2.87 2.23 -14.56
CA TYR B 116 2.64 3.53 -13.95
C TYR B 116 1.26 4.01 -14.34
N GLU B 117 0.55 4.64 -13.41
CA GLU B 117 -0.71 5.25 -13.82
C GLU B 117 -0.97 6.54 -13.07
N GLU B 118 -1.66 7.44 -13.77
CA GLU B 118 -2.19 8.68 -13.21
C GLU B 118 -3.70 8.57 -13.20
N LEU B 119 -4.30 8.92 -12.06
CA LEU B 119 -5.76 9.10 -11.96
C LEU B 119 -6.01 10.60 -11.81
N THR B 120 -6.86 11.17 -12.67
CA THR B 120 -7.05 12.62 -12.67
C THR B 120 -8.53 12.97 -12.51
N CYS B 121 -8.78 14.07 -11.79
CA CYS B 121 -10.12 14.61 -11.71
C CYS B 121 -10.05 15.99 -11.07
N GLY B 122 -10.74 16.96 -11.65
CA GLY B 122 -10.56 18.32 -11.17
C GLY B 122 -9.12 18.76 -11.31
N ASP B 123 -8.58 19.39 -10.26
CA ASP B 123 -7.20 19.83 -10.22
C ASP B 123 -6.29 18.82 -9.52
N GLN B 124 -6.77 17.59 -9.34
CA GLN B 124 -6.07 16.59 -8.54
C GLN B 124 -5.47 15.52 -9.45
N VAL B 125 -4.28 15.03 -9.06
CA VAL B 125 -3.61 13.96 -9.78
C VAL B 125 -3.14 12.94 -8.76
N CYS B 126 -3.60 11.70 -8.90
CA CYS B 126 -3.11 10.56 -8.12
C CYS B 126 -2.10 9.79 -8.96
N ARG B 127 -0.93 9.54 -8.40
CA ARG B 127 0.15 8.85 -9.11
C ARG B 127 0.42 7.52 -8.43
N GLN B 128 0.41 6.44 -9.22
CA GLN B 128 0.55 5.08 -8.71
C GLN B 128 1.61 4.33 -9.51
N VAL B 129 2.26 3.38 -8.84
CA VAL B 129 3.22 2.48 -9.49
C VAL B 129 2.91 1.06 -9.05
N PHE B 130 2.85 0.14 -10.03
CA PHE B 130 2.59 -1.28 -9.79
C PHE B 130 3.74 -2.11 -10.29
N LYS B 131 4.06 -3.19 -9.56
CA LYS B 131 5.01 -4.20 -10.03
C LYS B 131 4.28 -5.41 -10.59
N LYS B 132 4.84 -5.99 -11.64
CA LYS B 132 4.24 -7.18 -12.24
C LYS B 132 4.42 -8.39 -11.34
N LYS B 133 3.32 -9.01 -10.94
CA LYS B 133 3.37 -10.23 -10.14
C LYS B 133 3.56 -11.46 -11.03
#